data_7UYP
#
_entry.id   7UYP
#
_cell.length_a   54.978
_cell.length_b   145.756
_cell.length_c   46.796
_cell.angle_alpha   90.000
_cell.angle_beta   90.000
_cell.angle_gamma   90.000
#
_symmetry.space_group_name_H-M   'P 21 21 2'
#
loop_
_entity.id
_entity.type
_entity.pdbx_description
1 polymer 'reverse transcriptase'
2 polymer "DNA (5'-D(*CP*TP*TP*(1W5)P*(1W5)P*(1WA)P*(IGU)P*(JSP))-3')"
3 polymer "DNA (5'-D(P*(IGU)P*(JSP)P*(1W5)P*(1WA)P*(1WA)P*AP*AP*G)-3')"
4 water water
#
loop_
_entity_poly.entity_id
_entity_poly.type
_entity_poly.pdbx_seq_one_letter_code
_entity_poly.pdbx_strand_id
1 'polypeptide(L)'
;GSHMTWLSDFPQAWAETGGMGLAVRQAPLIIPLKATSTPVSIKQYPMSQEARLGIKPHIQRLLDQGILVPCQSPWNTPLL
PVKKPGTNDYRPVQDLREVNKRVEDIHPTVPNPYNLLSGLPPSHQWYTVLDLKDAFFCLRLHPTSQPLFAFEWRDPEMGI
SGQLTWTRLPQGFKNSPTLFDEALHRDLADFRIQHPDLILLQYVDDLLLAATSELDCQQGTRALLQTLGNLGYRASAKKA
QICQKQVKYLGYLLKEGQRLTRGSGC
;
A
2 'polydeoxyribonucleotide' (DC)(DT)(DT)(1W5)(1W5)(1WA)(IGU)(JSP) B
3 'polydeoxyribonucleotide' (IGU)(JSP)(1W5)(1WA)(1WA)(DA)(DA)(DG) G
#
loop_
_chem_comp.id
_chem_comp.type
_chem_comp.name
_chem_comp.formula
1W5 DNA linking (1R)-1-(6-amino-2-hydroxy-5-nitropyridin-3-yl)-1,4-anhydro-2-deoxy-5-O-phosphono-D-erythro-pentitol 'C10 H14 N3 O9 P'
1WA DNA linking 2-amino-8-(2-deoxy-5-O-phosphono-beta-D-erythro-pentofuranosyl)-4-hydroxy-1H-imidazo[1,2-a][1,3,5]triazine-5,8-diium 'C10 H16 N5 O7 P 2'
DA DNA linking 2'-DEOXYADENOSINE-5'-MONOPHOSPHATE 'C10 H14 N5 O6 P'
DC DNA linking 2'-DEOXYCYTIDINE-5'-MONOPHOSPHATE 'C9 H14 N3 O7 P'
DG DNA linking 2'-DEOXYGUANOSINE-5'-MONOPHOSPHATE 'C10 H14 N5 O7 P'
DT DNA linking THYMIDINE-5'-MONOPHOSPHATE 'C10 H15 N2 O8 P'
IGU DNA linking 2'-DEOXYISOGUANINE-5'-MONOPHOSPHATE 'C10 H14 N5 O7 P'
JSP DNA linking (1R)-1-(4-amino-1-methyl-2-oxo-1,2-dihydropyrimidin-5-yl)-1,4-anhydro-2-deoxy-5-O-phosphono-D-erythro-pentitol 'C10 H16 N3 O7 P'
#
# COMPACT_ATOMS: atom_id res chain seq x y z
N THR A 5 2.96 1.92 -26.57
CA THR A 5 1.80 1.76 -25.70
C THR A 5 2.12 2.21 -24.28
N TRP A 6 1.09 2.42 -23.47
CA TRP A 6 1.30 2.81 -22.08
C TRP A 6 2.07 1.74 -21.32
N LEU A 7 1.87 0.47 -21.67
CA LEU A 7 2.53 -0.63 -20.99
C LEU A 7 4.04 -0.60 -21.24
N SER A 8 4.44 -0.62 -22.52
CA SER A 8 5.85 -0.73 -22.87
C SER A 8 6.61 0.58 -22.69
N ASP A 9 5.92 1.71 -22.64
CA ASP A 9 6.58 2.99 -22.47
C ASP A 9 7.02 3.26 -21.03
N PHE A 10 6.45 2.56 -20.06
CA PHE A 10 6.73 2.81 -18.64
C PHE A 10 6.85 1.49 -17.91
N PRO A 11 7.85 0.67 -18.25
CA PRO A 11 7.92 -0.67 -17.67
C PRO A 11 8.15 -0.67 -16.17
N GLN A 12 8.84 0.34 -15.66
CA GLN A 12 9.13 0.42 -14.24
C GLN A 12 7.89 0.77 -13.42
N ALA A 13 6.96 1.53 -13.99
CA ALA A 13 5.82 2.02 -13.21
C ALA A 13 4.72 0.97 -13.01
N TRP A 14 4.64 -0.04 -13.87
CA TRP A 14 3.54 -1.00 -13.78
C TRP A 14 3.93 -2.19 -12.93
N ALA A 15 3.00 -2.63 -12.07
CA ALA A 15 3.26 -3.81 -11.25
C ALA A 15 3.51 -5.04 -12.12
N GLU A 16 2.88 -5.08 -13.29
CA GLU A 16 2.98 -6.23 -14.17
C GLU A 16 4.38 -6.42 -14.72
N THR A 17 5.15 -5.34 -14.85
CA THR A 17 6.46 -5.40 -15.52
C THR A 17 7.61 -4.85 -14.70
N GLY A 18 7.35 -4.20 -13.57
CA GLY A 18 8.41 -3.53 -12.85
C GLY A 18 8.88 -4.18 -11.58
N GLY A 19 8.36 -5.35 -11.23
CA GLY A 19 8.71 -5.99 -9.99
C GLY A 19 8.00 -5.36 -8.80
N MET A 20 8.14 -6.02 -7.65
CA MET A 20 7.58 -5.52 -6.40
C MET A 20 8.18 -4.15 -6.07
N GLY A 21 7.34 -3.25 -5.58
CA GLY A 21 7.80 -1.92 -5.24
C GLY A 21 8.61 -1.86 -3.97
N LEU A 22 9.23 -0.70 -3.80
CA LEU A 22 10.00 -0.35 -2.61
C LEU A 22 10.24 1.15 -2.69
N ALA A 23 9.70 1.89 -1.73
CA ALA A 23 9.77 3.36 -1.73
C ALA A 23 11.14 3.80 -1.23
N VAL A 24 12.06 3.97 -2.19
CA VAL A 24 13.47 4.13 -1.87
C VAL A 24 13.80 5.46 -1.18
N ARG A 25 12.93 6.45 -1.28
CA ARG A 25 13.22 7.74 -0.65
C ARG A 25 12.69 7.83 0.77
N GLN A 26 11.91 6.84 1.21
CA GLN A 26 11.26 6.92 2.50
C GLN A 26 12.05 6.14 3.53
N ALA A 27 12.40 6.80 4.62
CA ALA A 27 13.11 6.12 5.68
C ALA A 27 12.26 4.99 6.26
N PRO A 28 12.88 3.88 6.65
CA PRO A 28 12.14 2.82 7.36
C PRO A 28 11.40 3.37 8.57
N LEU A 29 10.14 2.93 8.71
CA LEU A 29 9.22 3.55 9.66
C LEU A 29 9.44 2.98 11.06
N ILE A 30 9.53 3.87 12.06
CA ILE A 30 9.52 3.49 13.46
C ILE A 30 8.11 3.68 13.99
N ILE A 31 7.59 2.65 14.67
CA ILE A 31 6.22 2.62 15.17
C ILE A 31 6.23 2.85 16.68
N PRO A 32 5.94 4.05 17.17
CA PRO A 32 5.96 4.27 18.62
C PRO A 32 4.82 3.56 19.36
N LEU A 33 5.17 2.95 20.48
CA LEU A 33 4.22 2.32 21.36
C LEU A 33 3.66 3.32 22.37
N LYS A 34 2.46 3.01 22.87
CA LYS A 34 1.92 3.75 24.01
C LYS A 34 2.86 3.63 25.19
N ALA A 35 2.75 4.63 26.08
CA ALA A 35 3.70 4.76 27.18
C ALA A 35 3.72 3.56 28.09
N THR A 36 2.59 2.86 28.25
CA THR A 36 2.51 1.74 29.18
C THR A 36 2.59 0.36 28.52
N SER A 37 2.78 0.29 27.21
CA SER A 37 2.64 -0.99 26.52
C SER A 37 3.79 -1.94 26.83
N THR A 38 3.47 -3.23 26.92
CA THR A 38 4.46 -4.31 26.90
C THR A 38 4.01 -5.33 25.85
N PRO A 39 4.91 -6.21 25.41
CA PRO A 39 4.57 -7.15 24.35
C PRO A 39 3.45 -8.09 24.77
N VAL A 40 2.66 -8.49 23.79
CA VAL A 40 1.60 -9.46 23.96
C VAL A 40 1.89 -10.62 23.01
N SER A 41 1.81 -11.84 23.52
CA SER A 41 2.05 -13.04 22.74
C SER A 41 0.80 -13.88 22.78
N ILE A 42 0.08 -13.91 21.67
CA ILE A 42 -1.17 -14.66 21.55
C ILE A 42 -0.85 -15.97 20.86
N LYS A 43 -1.32 -17.08 21.42
CA LYS A 43 -1.04 -18.38 20.82
C LYS A 43 -1.80 -18.53 19.50
N GLN A 44 -1.16 -19.18 18.54
CA GLN A 44 -1.76 -19.44 17.24
C GLN A 44 -2.80 -20.56 17.37
N TYR A 45 -4.04 -20.29 16.97
CA TYR A 45 -5.05 -21.34 16.95
C TYR A 45 -4.68 -22.36 15.88
N PRO A 46 -4.78 -23.65 16.18
CA PRO A 46 -4.35 -24.66 15.21
C PRO A 46 -5.06 -24.50 13.87
N MET A 47 -4.28 -24.57 12.81
CA MET A 47 -4.80 -24.37 11.47
C MET A 47 -4.98 -25.71 10.77
N SER A 48 -6.10 -25.85 10.07
CA SER A 48 -6.35 -27.07 9.30
C SER A 48 -5.35 -27.20 8.16
N GLN A 49 -5.11 -28.45 7.74
CA GLN A 49 -4.19 -28.63 6.63
C GLN A 49 -4.67 -27.89 5.38
N GLU A 50 -5.98 -27.91 5.13
CA GLU A 50 -6.50 -27.23 3.95
C GLU A 50 -6.15 -25.75 3.98
N ALA A 51 -6.30 -25.11 5.14
CA ALA A 51 -5.98 -23.69 5.23
C ALA A 51 -4.48 -23.45 5.07
N ARG A 52 -3.67 -24.26 5.75
CA ARG A 52 -2.22 -24.13 5.65
C ARG A 52 -1.73 -24.31 4.22
N LEU A 53 -2.24 -25.31 3.51
CA LEU A 53 -1.83 -25.49 2.12
C LEU A 53 -2.28 -24.32 1.26
N GLY A 54 -3.41 -23.72 1.58
CA GLY A 54 -3.86 -22.53 0.88
C GLY A 54 -2.96 -21.33 1.11
N ILE A 55 -2.55 -21.13 2.37
CA ILE A 55 -1.75 -19.95 2.77
C ILE A 55 -0.30 -20.10 2.31
N LYS A 56 0.21 -21.34 2.29
CA LYS A 56 1.64 -21.61 2.12
C LYS A 56 2.28 -20.93 0.93
N PRO A 57 1.72 -20.98 -0.29
CA PRO A 57 2.41 -20.33 -1.42
C PRO A 57 2.52 -18.83 -1.27
N HIS A 58 1.56 -18.19 -0.59
CA HIS A 58 1.65 -16.77 -0.31
C HIS A 58 2.81 -16.47 0.64
N ILE A 59 2.89 -17.22 1.74
CA ILE A 59 4.01 -17.07 2.67
C ILE A 59 5.34 -17.25 1.94
N GLN A 60 5.45 -18.28 1.11
CA GLN A 60 6.71 -18.54 0.43
C GLN A 60 7.10 -17.39 -0.50
N ARG A 61 6.12 -16.86 -1.25
CA ARG A 61 6.41 -15.73 -2.11
C ARG A 61 6.89 -14.53 -1.31
N LEU A 62 6.24 -14.26 -0.19
CA LEU A 62 6.63 -13.11 0.64
C LEU A 62 8.01 -13.32 1.24
N LEU A 63 8.35 -14.56 1.61
CA LEU A 63 9.71 -14.86 2.06
C LEU A 63 10.71 -14.62 0.94
N ASP A 64 10.40 -15.13 -0.26
CA ASP A 64 11.31 -14.94 -1.39
C ASP A 64 11.53 -13.47 -1.69
N GLN A 65 10.50 -12.65 -1.52
CA GLN A 65 10.57 -11.21 -1.77
C GLN A 65 11.22 -10.42 -0.65
N GLY A 66 11.54 -11.08 0.47
CA GLY A 66 12.10 -10.42 1.64
C GLY A 66 11.10 -9.61 2.44
N ILE A 67 9.81 -9.73 2.13
CA ILE A 67 8.77 -9.00 2.83
C ILE A 67 8.47 -9.66 4.17
N LEU A 68 8.63 -10.98 4.24
CA LEU A 68 8.63 -11.71 5.49
C LEU A 68 10.04 -12.18 5.78
N VAL A 69 10.42 -12.19 7.06
CA VAL A 69 11.70 -12.77 7.48
C VAL A 69 11.49 -13.57 8.75
N PRO A 70 12.34 -14.57 8.98
CA PRO A 70 12.29 -15.27 10.27
C PRO A 70 12.61 -14.31 11.41
N CYS A 71 12.07 -14.62 12.57
CA CYS A 71 12.44 -13.85 13.76
C CYS A 71 12.09 -14.63 15.02
N GLN A 72 12.60 -14.13 16.13
CA GLN A 72 12.18 -14.50 17.47
C GLN A 72 11.74 -13.22 18.17
N SER A 73 10.47 -13.16 18.54
CA SER A 73 9.89 -11.94 19.07
C SER A 73 9.02 -12.22 20.27
N PRO A 74 9.01 -11.33 21.27
CA PRO A 74 8.09 -11.48 22.40
C PRO A 74 6.66 -11.11 22.06
N TRP A 75 6.45 -10.57 20.87
CA TRP A 75 5.12 -10.30 20.33
C TRP A 75 4.70 -11.46 19.46
N ASN A 76 3.41 -11.77 19.48
CA ASN A 76 2.88 -12.74 18.54
C ASN A 76 1.39 -12.52 18.39
N THR A 77 0.90 -12.47 17.16
CA THR A 77 -0.53 -12.38 16.93
C THR A 77 -0.92 -13.48 15.96
N PRO A 78 -2.18 -13.89 15.97
CA PRO A 78 -2.55 -15.07 15.18
C PRO A 78 -2.83 -14.76 13.72
N LEU A 79 -2.57 -15.78 12.90
CA LEU A 79 -3.04 -15.81 11.53
C LEU A 79 -4.39 -16.49 11.49
N LEU A 80 -5.25 -16.01 10.63
CA LEU A 80 -6.40 -16.83 10.31
C LEU A 80 -6.50 -17.00 8.80
N PRO A 81 -7.06 -18.10 8.38
CA PRO A 81 -7.34 -18.28 6.94
C PRO A 81 -8.67 -17.67 6.55
N VAL A 82 -8.70 -16.91 5.46
CA VAL A 82 -9.94 -16.30 4.98
C VAL A 82 -10.23 -16.76 3.56
N TYR A 90 -8.05 -18.89 -0.31
CA TYR A 90 -7.32 -18.85 0.95
C TYR A 90 -6.16 -17.86 0.89
N ARG A 91 -6.22 -16.85 1.76
CA ARG A 91 -5.16 -15.85 1.87
C ARG A 91 -4.97 -15.57 3.36
N PRO A 92 -3.75 -15.28 3.80
CA PRO A 92 -3.49 -15.11 5.24
C PRO A 92 -3.92 -13.73 5.71
N VAL A 93 -4.67 -13.70 6.81
CA VAL A 93 -5.10 -12.46 7.46
C VAL A 93 -4.65 -12.51 8.91
N GLN A 94 -3.87 -11.52 9.32
CA GLN A 94 -3.35 -11.46 10.67
C GLN A 94 -4.27 -10.63 11.56
N ASP A 95 -4.57 -11.14 12.76
CA ASP A 95 -5.40 -10.39 13.71
C ASP A 95 -4.46 -9.52 14.54
N LEU A 96 -4.31 -8.26 14.13
CA LEU A 96 -3.40 -7.33 14.79
C LEU A 96 -4.09 -6.48 15.84
N ARG A 97 -5.29 -6.83 16.26
CA ARG A 97 -6.03 -5.90 17.14
C ARG A 97 -5.31 -5.67 18.46
N GLU A 98 -4.65 -6.70 19.01
CA GLU A 98 -3.96 -6.51 20.30
C GLU A 98 -2.68 -5.72 20.15
N VAL A 99 -2.06 -5.74 18.96
CA VAL A 99 -0.94 -4.85 18.67
C VAL A 99 -1.44 -3.42 18.49
N ASN A 100 -2.55 -3.26 17.75
CA ASN A 100 -3.10 -1.93 17.52
C ASN A 100 -3.42 -1.21 18.83
N LYS A 101 -3.97 -1.94 19.81
CA LYS A 101 -4.28 -1.36 21.11
C LYS A 101 -3.05 -0.81 21.82
N ARG A 102 -1.88 -1.34 21.51
CA ARG A 102 -0.64 -0.99 22.22
C ARG A 102 0.20 0.03 21.47
N VAL A 103 -0.19 0.41 20.27
CA VAL A 103 0.55 1.36 19.45
C VAL A 103 -0.04 2.76 19.66
N GLU A 104 0.85 3.75 19.77
CA GLU A 104 0.41 5.12 19.98
C GLU A 104 -0.44 5.61 18.81
N ASP A 105 -1.51 6.33 19.12
CA ASP A 105 -2.39 6.83 18.09
C ASP A 105 -1.75 8.00 17.35
N ILE A 106 -2.09 8.13 16.06
CA ILE A 106 -1.69 9.28 15.27
C ILE A 106 -2.95 9.96 14.76
N HIS A 107 -2.81 11.24 14.42
CA HIS A 107 -3.92 11.99 13.87
C HIS A 107 -4.34 11.38 12.52
N PRO A 108 -5.63 11.14 12.29
CA PRO A 108 -6.06 10.64 10.98
C PRO A 108 -6.09 11.75 9.94
N THR A 109 -5.14 11.70 8.99
CA THR A 109 -4.98 12.77 8.00
C THR A 109 -5.51 12.42 6.63
N VAL A 110 -5.97 11.19 6.39
CA VAL A 110 -6.55 10.85 5.10
C VAL A 110 -7.92 11.50 5.03
N PRO A 111 -8.20 12.33 4.02
CA PRO A 111 -9.53 12.96 3.93
C PRO A 111 -10.56 11.92 3.53
N ASN A 112 -11.81 12.17 3.91
CA ASN A 112 -12.86 11.29 3.42
C ASN A 112 -13.12 11.59 1.93
N PRO A 113 -13.54 10.58 1.17
CA PRO A 113 -13.71 10.77 -0.28
C PRO A 113 -14.61 11.93 -0.66
N TYR A 114 -15.68 12.17 0.10
CA TYR A 114 -16.55 13.29 -0.21
C TYR A 114 -15.78 14.60 -0.24
N ASN A 115 -15.02 14.87 0.83
CA ASN A 115 -14.23 16.09 0.88
C ASN A 115 -13.10 16.08 -0.15
N LEU A 116 -12.46 14.92 -0.36
CA LEU A 116 -11.39 14.86 -1.34
C LEU A 116 -11.91 15.25 -2.73
N LEU A 117 -13.09 14.76 -3.10
CA LEU A 117 -13.60 15.05 -4.43
C LEU A 117 -14.09 16.49 -4.58
N SER A 118 -14.28 17.21 -3.47
CA SER A 118 -14.66 18.62 -3.56
C SER A 118 -13.57 19.47 -4.18
N GLY A 119 -12.34 18.96 -4.27
CA GLY A 119 -11.23 19.65 -4.86
C GLY A 119 -11.05 19.43 -6.35
N LEU A 120 -12.05 18.87 -7.03
CA LEU A 120 -12.02 18.60 -8.45
C LEU A 120 -12.80 19.68 -9.19
N PRO A 121 -12.15 20.64 -9.85
CA PRO A 121 -12.87 21.75 -10.48
C PRO A 121 -13.45 21.35 -11.83
N PRO A 122 -14.52 22.03 -12.27
CA PRO A 122 -15.14 21.66 -13.56
C PRO A 122 -14.27 21.92 -14.77
N SER A 123 -13.21 22.73 -14.65
CA SER A 123 -12.30 22.97 -15.78
C SER A 123 -11.45 21.75 -16.11
N HIS A 124 -11.36 20.77 -15.22
CA HIS A 124 -10.46 19.63 -15.38
C HIS A 124 -11.32 18.38 -15.57
N GLN A 125 -11.61 18.02 -16.82
CA GLN A 125 -12.54 16.93 -17.12
C GLN A 125 -11.89 15.76 -17.85
N TRP A 126 -10.58 15.77 -18.03
CA TRP A 126 -9.84 14.63 -18.56
C TRP A 126 -9.12 13.94 -17.40
N TYR A 127 -9.38 12.65 -17.22
CA TYR A 127 -8.99 11.94 -16.00
C TYR A 127 -8.07 10.77 -16.32
N THR A 128 -7.15 10.50 -15.40
CA THR A 128 -6.43 9.24 -15.31
C THR A 128 -6.59 8.75 -13.88
N VAL A 129 -6.96 7.49 -13.72
CA VAL A 129 -7.06 6.85 -12.41
C VAL A 129 -6.05 5.73 -12.35
N LEU A 130 -5.21 5.76 -11.30
CA LEU A 130 -4.22 4.72 -11.07
C LEU A 130 -4.46 4.11 -9.71
N ASP A 131 -4.20 2.82 -9.60
CA ASP A 131 -4.34 2.08 -8.36
C ASP A 131 -2.98 1.48 -8.06
N LEU A 132 -2.40 1.86 -6.93
CA LEU A 132 -1.08 1.35 -6.58
C LEU A 132 -1.19 -0.04 -6.01
N LYS A 133 -0.37 -0.96 -6.53
CA LYS A 133 -0.42 -2.35 -6.11
C LYS A 133 0.52 -2.60 -4.95
N ASP A 134 0.01 -3.32 -3.95
CA ASP A 134 0.80 -3.70 -2.78
C ASP A 134 1.44 -2.48 -2.15
N ALA A 135 0.63 -1.43 -2.00
CA ALA A 135 1.13 -0.12 -1.62
C ALA A 135 1.83 -0.16 -0.28
N PHE A 136 1.19 -0.75 0.75
CA PHE A 136 1.79 -0.76 2.07
C PHE A 136 3.14 -1.45 2.05
N PHE A 137 3.26 -2.53 1.26
CA PHE A 137 4.50 -3.27 1.20
C PHE A 137 5.63 -2.46 0.58
N CYS A 138 5.33 -1.32 -0.06
CA CYS A 138 6.43 -0.50 -0.56
C CYS A 138 7.15 0.26 0.55
N LEU A 139 6.52 0.41 1.72
CA LEU A 139 7.11 1.18 2.82
C LEU A 139 7.83 0.23 3.78
N ARG A 140 9.12 0.48 3.96
CA ARG A 140 9.91 -0.32 4.89
C ARG A 140 9.58 -0.01 6.35
N LEU A 141 9.67 -1.05 7.18
CA LEU A 141 9.65 -0.94 8.62
C LEU A 141 11.07 -0.95 9.16
N HIS A 142 11.34 -0.07 10.11
CA HIS A 142 12.62 -0.07 10.79
C HIS A 142 12.80 -1.39 11.54
N PRO A 143 14.00 -1.96 11.54
CA PRO A 143 14.23 -3.21 12.30
C PRO A 143 13.75 -3.17 13.75
N THR A 144 13.78 -2.03 14.42
CA THR A 144 13.31 -1.96 15.80
C THR A 144 11.82 -2.21 15.91
N SER A 145 11.08 -1.91 14.85
CA SER A 145 9.62 -2.06 14.86
C SER A 145 9.15 -3.36 14.25
N GLN A 146 10.00 -4.06 13.51
CA GLN A 146 9.59 -5.33 12.90
C GLN A 146 9.08 -6.36 13.91
N PRO A 147 9.70 -6.55 15.08
CA PRO A 147 9.23 -7.63 15.98
C PRO A 147 7.78 -7.47 16.42
N LEU A 148 7.25 -6.26 16.38
CA LEU A 148 5.88 -5.98 16.79
C LEU A 148 4.87 -6.85 16.07
N PHE A 149 5.14 -7.19 14.82
CA PHE A 149 4.15 -7.77 13.94
C PHE A 149 4.34 -9.26 13.71
N ALA A 150 5.08 -9.94 14.60
CA ALA A 150 5.42 -11.34 14.41
C ALA A 150 4.21 -12.26 14.54
N PHE A 151 4.30 -13.39 13.82
CA PHE A 151 3.28 -14.44 13.89
C PHE A 151 3.99 -15.78 13.73
N GLU A 152 3.29 -16.85 14.07
CA GLU A 152 3.89 -18.18 14.00
C GLU A 152 3.63 -18.83 12.65
N TRP A 153 4.64 -19.51 12.12
CA TRP A 153 4.44 -20.28 10.89
C TRP A 153 5.07 -21.65 11.07
N ARG A 154 4.24 -22.68 10.99
CA ARG A 154 4.67 -24.07 11.12
C ARG A 154 4.37 -24.81 9.83
N ASP A 155 5.41 -25.45 9.27
CA ASP A 155 5.27 -26.37 8.16
C ASP A 155 5.44 -27.78 8.73
N PRO A 156 4.34 -28.50 9.04
CA PRO A 156 4.48 -29.78 9.75
C PRO A 156 5.28 -30.81 8.98
N GLU A 157 5.07 -30.91 7.67
CA GLU A 157 5.82 -31.85 6.84
C GLU A 157 7.16 -31.29 6.38
N MET A 158 7.58 -30.16 6.94
CA MET A 158 8.89 -29.58 6.63
C MET A 158 9.74 -29.32 7.86
N GLY A 159 9.22 -29.61 9.06
CA GLY A 159 9.99 -29.45 10.27
C GLY A 159 10.37 -28.02 10.61
N ILE A 160 9.59 -27.05 10.13
CA ILE A 160 9.84 -25.64 10.41
C ILE A 160 8.71 -25.13 11.28
N SER A 161 9.03 -24.83 12.54
CA SER A 161 8.10 -24.16 13.46
C SER A 161 8.84 -23.00 14.11
N GLY A 162 8.43 -21.79 13.78
CA GLY A 162 9.01 -20.60 14.35
C GLY A 162 8.20 -19.39 13.92
N GLN A 163 8.69 -18.22 14.27
CA GLN A 163 7.99 -16.99 13.93
C GLN A 163 8.55 -16.37 12.66
N LEU A 164 7.68 -15.66 11.96
CA LEU A 164 8.04 -14.75 10.89
C LEU A 164 7.54 -13.36 11.26
N THR A 165 8.14 -12.33 10.64
CA THR A 165 7.54 -11.02 10.76
C THR A 165 7.77 -10.22 9.47
N TRP A 166 7.14 -9.04 9.44
CA TRP A 166 7.09 -8.19 8.27
C TRP A 166 8.27 -7.22 8.28
N THR A 167 8.85 -6.99 7.10
CA THR A 167 9.85 -5.95 6.94
C THR A 167 9.29 -4.70 6.28
N ARG A 168 7.99 -4.72 5.98
CA ARG A 168 7.27 -3.64 5.34
C ARG A 168 5.99 -3.38 6.14
N LEU A 169 5.39 -2.22 5.92
CA LEU A 169 4.16 -1.83 6.57
C LEU A 169 3.07 -2.90 6.36
N PRO A 170 2.50 -3.46 7.42
CA PRO A 170 1.60 -4.61 7.21
C PRO A 170 0.14 -4.26 7.05
N GLN A 171 -0.57 -5.17 6.38
CA GLN A 171 -2.02 -5.13 6.38
C GLN A 171 -2.55 -5.38 7.79
N GLY A 172 -3.64 -4.70 8.12
CA GLY A 172 -4.32 -4.90 9.38
C GLY A 172 -3.80 -4.03 10.51
N PHE A 173 -2.72 -3.31 10.27
CA PHE A 173 -2.18 -2.38 11.25
C PHE A 173 -2.94 -1.07 11.15
N LYS A 174 -3.38 -0.55 12.30
CA LYS A 174 -4.34 0.55 12.29
C LYS A 174 -3.78 1.80 11.62
N ASN A 175 -2.46 2.01 11.65
CA ASN A 175 -1.91 3.23 11.10
C ASN A 175 -1.37 3.11 9.68
N SER A 176 -1.47 1.92 9.06
CA SER A 176 -0.92 1.79 7.70
C SER A 176 -1.54 2.74 6.69
N PRO A 177 -2.87 2.89 6.59
CA PRO A 177 -3.38 3.80 5.55
C PRO A 177 -2.89 5.23 5.72
N THR A 178 -2.87 5.73 6.96
CA THR A 178 -2.43 7.10 7.20
C THR A 178 -0.92 7.25 6.93
N LEU A 179 -0.11 6.32 7.43
CA LEU A 179 1.32 6.41 7.16
C LEU A 179 1.61 6.31 5.67
N PHE A 180 0.87 5.46 4.94
CA PHE A 180 1.14 5.38 3.52
C PHE A 180 0.74 6.67 2.81
N ASP A 181 -0.44 7.20 3.12
CA ASP A 181 -0.90 8.44 2.49
C ASP A 181 0.07 9.57 2.74
N GLU A 182 0.59 9.66 3.98
CA GLU A 182 1.55 10.72 4.28
C GLU A 182 2.86 10.52 3.52
N ALA A 183 3.35 9.27 3.43
CA ALA A 183 4.57 9.01 2.69
C ALA A 183 4.43 9.37 1.21
N LEU A 184 3.32 8.97 0.59
CA LEU A 184 3.16 9.25 -0.83
C LEU A 184 3.00 10.75 -1.08
N HIS A 185 2.33 11.45 -0.16
CA HIS A 185 2.29 12.91 -0.25
C HIS A 185 3.70 13.52 -0.23
N ARG A 186 4.58 13.04 0.64
CA ARG A 186 5.95 13.54 0.63
C ARG A 186 6.62 13.25 -0.70
N ASP A 187 6.43 12.05 -1.24
CA ASP A 187 7.13 11.69 -2.46
C ASP A 187 6.55 12.36 -3.70
N LEU A 188 5.30 12.82 -3.66
CA LEU A 188 4.69 13.46 -4.83
C LEU A 188 4.64 14.98 -4.71
N ALA A 189 5.22 15.53 -3.63
CA ALA A 189 5.21 16.98 -3.46
C ALA A 189 5.87 17.70 -4.63
N ASP A 190 7.03 17.21 -5.07
CA ASP A 190 7.72 17.88 -6.16
C ASP A 190 6.95 17.78 -7.48
N PHE A 191 6.32 16.63 -7.73
CA PHE A 191 5.51 16.48 -8.93
C PHE A 191 4.42 17.54 -8.98
N ARG A 192 3.76 17.80 -7.85
CA ARG A 192 2.73 18.83 -7.81
C ARG A 192 3.29 20.19 -8.17
N ILE A 193 4.53 20.48 -7.74
CA ILE A 193 5.14 21.78 -8.01
C ILE A 193 5.51 21.90 -9.48
N GLN A 194 6.00 20.81 -10.08
CA GLN A 194 6.38 20.83 -11.48
C GLN A 194 5.19 20.84 -12.43
N HIS A 195 3.99 20.57 -11.92
CA HIS A 195 2.80 20.46 -12.76
C HIS A 195 1.65 21.21 -12.10
N PRO A 196 1.78 22.53 -11.98
CA PRO A 196 0.75 23.31 -11.25
C PRO A 196 -0.60 23.35 -11.94
N ASP A 197 -0.68 23.00 -13.22
CA ASP A 197 -1.94 22.98 -13.94
C ASP A 197 -2.72 21.69 -13.73
N LEU A 198 -2.11 20.66 -13.17
CA LEU A 198 -2.76 19.38 -12.96
C LEU A 198 -3.39 19.29 -11.58
N ILE A 199 -4.50 18.59 -11.50
CA ILE A 199 -5.12 18.22 -10.23
C ILE A 199 -4.73 16.79 -9.93
N LEU A 200 -4.20 16.54 -8.73
CA LEU A 200 -3.87 15.19 -8.29
C LEU A 200 -4.56 14.93 -6.97
N LEU A 201 -5.48 13.98 -6.95
CA LEU A 201 -6.16 13.55 -5.74
C LEU A 201 -5.56 12.23 -5.27
N GLN A 202 -5.22 12.16 -3.98
CA GLN A 202 -4.65 10.95 -3.39
C GLN A 202 -5.55 10.44 -2.28
N TYR A 203 -5.95 9.18 -2.38
CA TYR A 203 -6.66 8.51 -1.29
C TYR A 203 -5.94 7.20 -1.04
N VAL A 204 -4.96 7.24 -0.14
CA VAL A 204 -4.08 6.11 0.15
C VAL A 204 -3.48 5.61 -1.16
N ASP A 205 -3.90 4.44 -1.66
CA ASP A 205 -3.32 3.91 -2.88
C ASP A 205 -4.11 4.22 -4.15
N ASP A 206 -5.15 5.04 -4.05
CA ASP A 206 -6.02 5.34 -5.18
C ASP A 206 -5.79 6.78 -5.65
N LEU A 207 -5.30 6.94 -6.88
CA LEU A 207 -4.88 8.24 -7.41
C LEU A 207 -5.76 8.68 -8.59
N LEU A 208 -6.12 9.96 -8.60
CA LEU A 208 -6.81 10.59 -9.72
C LEU A 208 -6.01 11.79 -10.19
N LEU A 209 -5.65 11.80 -11.47
CA LEU A 209 -5.03 12.94 -12.12
C LEU A 209 -6.05 13.56 -13.06
N ALA A 210 -6.24 14.88 -12.95
CA ALA A 210 -7.23 15.59 -13.74
C ALA A 210 -6.56 16.73 -14.51
N ALA A 211 -6.93 16.87 -15.79
CA ALA A 211 -6.32 17.84 -16.68
C ALA A 211 -7.41 18.54 -17.48
N THR A 212 -7.03 19.66 -18.12
CA THR A 212 -7.97 20.44 -18.89
C THR A 212 -8.17 19.92 -20.31
N SER A 213 -7.21 19.17 -20.85
CA SER A 213 -7.28 18.65 -22.20
C SER A 213 -6.76 17.24 -22.23
N GLU A 214 -7.10 16.51 -23.31
CA GLU A 214 -6.58 15.17 -23.48
C GLU A 214 -5.06 15.17 -23.59
N LEU A 215 -4.50 16.16 -24.30
CA LEU A 215 -3.05 16.24 -24.46
C LEU A 215 -2.36 16.48 -23.13
N ASP A 216 -2.86 17.44 -22.34
CA ASP A 216 -2.31 17.69 -21.01
C ASP A 216 -2.43 16.45 -20.13
N CYS A 217 -3.54 15.71 -20.26
CA CYS A 217 -3.69 14.51 -19.46
C CYS A 217 -2.71 13.42 -19.89
N GLN A 218 -2.45 13.33 -21.19
CA GLN A 218 -1.46 12.36 -21.67
C GLN A 218 -0.08 12.71 -21.16
N GLN A 219 0.30 14.00 -21.28
CA GLN A 219 1.61 14.42 -20.83
C GLN A 219 1.76 14.29 -19.32
N GLY A 220 0.71 14.65 -18.58
CA GLY A 220 0.77 14.54 -17.13
C GLY A 220 0.82 13.10 -16.67
N THR A 221 0.06 12.22 -17.33
CA THR A 221 0.06 10.81 -16.97
C THR A 221 1.42 10.18 -17.26
N ARG A 222 2.05 10.57 -18.36
CA ARG A 222 3.42 10.13 -18.63
C ARG A 222 4.35 10.54 -17.51
N ALA A 223 4.28 11.81 -17.10
CA ALA A 223 5.15 12.31 -16.03
C ALA A 223 4.87 11.59 -14.72
N LEU A 224 3.59 11.37 -14.40
CA LEU A 224 3.25 10.72 -13.12
C LEU A 224 3.72 9.28 -13.08
N LEU A 225 3.54 8.53 -14.18
CA LEU A 225 4.03 7.17 -14.22
C LEU A 225 5.55 7.14 -14.08
N GLN A 226 6.24 8.01 -14.81
CA GLN A 226 7.70 8.06 -14.69
C GLN A 226 8.12 8.29 -13.24
N THR A 227 7.49 9.28 -12.61
CA THR A 227 7.82 9.64 -11.22
C THR A 227 7.51 8.49 -10.27
N LEU A 228 6.31 7.91 -10.36
CA LEU A 228 5.94 6.82 -9.47
C LEU A 228 6.92 5.66 -9.57
N GLY A 229 7.22 5.23 -10.80
CA GLY A 229 8.13 4.10 -10.97
C GLY A 229 9.52 4.41 -10.45
N ASN A 230 9.98 5.64 -10.68
CA ASN A 230 11.29 6.07 -10.21
CA ASN A 230 11.29 6.06 -10.20
C ASN A 230 11.35 6.06 -8.68
N LEU A 231 10.25 6.46 -8.03
CA LEU A 231 10.19 6.48 -6.57
C LEU A 231 10.05 5.09 -5.98
N GLY A 232 9.70 4.08 -6.78
CA GLY A 232 9.54 2.73 -6.29
C GLY A 232 8.12 2.25 -6.09
N TYR A 233 7.13 3.03 -6.49
CA TYR A 233 5.74 2.59 -6.43
C TYR A 233 5.35 1.91 -7.74
N ARG A 234 4.26 1.14 -7.68
CA ARG A 234 3.85 0.30 -8.80
C ARG A 234 2.35 0.41 -8.97
N ALA A 235 1.90 0.72 -10.19
CA ALA A 235 0.48 0.84 -10.48
C ALA A 235 -0.02 -0.40 -11.22
N SER A 236 -1.31 -0.70 -11.06
CA SER A 236 -1.94 -1.83 -11.76
C SER A 236 -2.23 -1.43 -13.20
N ALA A 237 -1.52 -2.03 -14.16
CA ALA A 237 -1.85 -1.77 -15.57
C ALA A 237 -3.23 -2.33 -15.91
N LYS A 238 -3.65 -3.40 -15.25
CA LYS A 238 -4.94 -4.01 -15.55
C LYS A 238 -6.09 -3.08 -15.19
N LYS A 239 -5.95 -2.34 -14.10
CA LYS A 239 -7.03 -1.50 -13.60
C LYS A 239 -6.95 -0.06 -14.07
N ALA A 240 -5.85 0.34 -14.68
CA ALA A 240 -5.64 1.75 -15.00
C ALA A 240 -6.70 2.26 -15.97
N GLN A 241 -7.20 3.47 -15.70
CA GLN A 241 -8.09 4.20 -16.59
C GLN A 241 -7.34 5.44 -17.04
N ILE A 242 -6.90 5.46 -18.30
CA ILE A 242 -5.92 6.44 -18.78
C ILE A 242 -6.60 7.40 -19.75
N CYS A 243 -6.58 8.69 -19.40
CA CYS A 243 -7.01 9.79 -20.27
C CYS A 243 -8.42 9.56 -20.81
N GLN A 244 -9.37 9.46 -19.88
CA GLN A 244 -10.77 9.30 -20.21
C GLN A 244 -11.56 10.46 -19.64
N LYS A 245 -12.66 10.81 -20.30
CA LYS A 245 -13.57 11.81 -19.75
C LYS A 245 -14.58 11.20 -18.79
N GLN A 246 -14.60 9.88 -18.68
CA GLN A 246 -15.44 9.15 -17.74
C GLN A 246 -14.58 8.14 -17.01
N VAL A 247 -14.56 8.20 -15.67
CA VAL A 247 -13.81 7.23 -14.87
C VAL A 247 -14.57 6.87 -13.61
N LYS A 248 -14.26 5.69 -13.07
CA LYS A 248 -14.69 5.28 -11.75
C LYS A 248 -13.57 5.55 -10.75
N TYR A 249 -13.86 6.33 -9.72
CA TYR A 249 -12.87 6.69 -8.71
C TYR A 249 -13.56 6.70 -7.35
N LEU A 250 -13.08 5.85 -6.43
CA LEU A 250 -13.56 5.83 -5.04
C LEU A 250 -15.06 5.60 -4.95
N GLY A 251 -15.57 4.69 -5.78
CA GLY A 251 -16.98 4.36 -5.76
C GLY A 251 -17.87 5.29 -6.54
N TYR A 252 -17.36 6.43 -6.99
CA TYR A 252 -18.12 7.37 -7.80
C TYR A 252 -17.85 7.14 -9.28
N LEU A 253 -18.86 7.42 -10.10
CA LEU A 253 -18.64 7.57 -11.53
C LEU A 253 -18.47 9.06 -11.81
N LEU A 254 -17.30 9.43 -12.33
CA LEU A 254 -17.01 10.81 -12.68
C LEU A 254 -17.36 11.04 -14.15
N LYS A 255 -18.26 11.99 -14.40
CA LYS A 255 -18.81 12.18 -15.74
C LYS A 255 -19.40 13.58 -15.82
N GLU A 256 -18.91 14.38 -16.76
CA GLU A 256 -19.44 15.74 -16.97
C GLU A 256 -19.37 16.55 -15.68
N GLY A 257 -18.25 16.41 -14.96
CA GLY A 257 -18.06 17.14 -13.72
C GLY A 257 -19.04 16.76 -12.62
N GLN A 258 -19.78 15.69 -12.80
CA GLN A 258 -20.78 15.25 -11.83
C GLN A 258 -20.23 14.14 -10.93
N ARG A 259 -20.79 14.09 -9.72
CA ARG A 259 -20.52 13.08 -8.69
C ARG A 259 -19.12 13.22 -8.08
N 1W5 B 4 -17.92 -10.39 21.06
P 1W5 B 4 -13.14 -6.31 22.42
C1 1W5 B 4 -17.30 -7.45 18.93
C2 1W5 B 4 -18.14 -7.72 17.76
O2 1W5 B 4 -18.29 -7.04 16.79
N3 1W5 B 4 -18.87 -8.92 17.85
C4 1W5 B 4 -18.86 -9.82 18.85
N4 1W5 B 4 -19.64 -10.89 18.68
C5 1W5 B 4 -18.04 -9.53 19.93
C6 1W5 B 4 -17.28 -8.33 19.93
C1' 1W5 B 4 -16.53 -6.24 18.91
C2' 1W5 B 4 -17.46 -5.11 19.23
C3' 1W5 B 4 -17.02 -4.37 20.50
O3' 1W5 B 4 -17.16 -2.94 20.31
C4' 1W5 B 4 -15.58 -4.78 20.56
O4' 1W5 B 4 -15.55 -6.13 19.98
C5' 1W5 B 4 -15.19 -4.77 22.03
O5' 1W5 B 4 -14.73 -6.09 22.24
ON1 1W5 B 4 -17.27 -10.01 22.02
ON2 1W5 B 4 -18.47 -11.44 21.01
OP1 1W5 B 4 -12.61 -5.00 22.04
OP2 1W5 B 4 -12.74 -6.92 23.74
N 1W5 B 5 -20.27 -7.19 21.67
P 1W5 B 5 -18.39 -2.16 20.98
C1 1W5 B 5 -21.49 -5.91 18.44
C2 1W5 B 5 -22.30 -7.01 17.96
O2 1W5 B 5 -22.91 -7.06 16.93
N3 1W5 B 5 -22.35 -8.13 18.81
C4 1W5 B 5 -21.75 -8.26 20.00
N4 1W5 B 5 -21.96 -9.43 20.63
C5 1W5 B 5 -20.98 -7.19 20.44
C6 1W5 B 5 -20.87 -6.03 19.62
C1' 1W5 B 5 -21.37 -4.75 17.61
C2' 1W5 B 5 -22.46 -3.78 18.01
C3' 1W5 B 5 -21.90 -2.39 18.35
O3' 1W5 B 5 -22.62 -1.39 17.61
C4' 1W5 B 5 -20.49 -2.53 17.84
O4' 1W5 B 5 -20.20 -3.96 17.90
C5' 1W5 B 5 -19.58 -1.73 18.74
O5' 1W5 B 5 -19.61 -2.43 19.98
ON1 1W5 B 5 -19.67 -6.18 22.00
ON2 1W5 B 5 -20.28 -8.18 22.31
OP1 1W5 B 5 -17.98 -0.71 21.08
OP2 1W5 B 5 -18.78 -2.89 22.18
P 1WA B 6 -23.66 -0.42 18.37
N1 1WA B 6 -26.51 -9.03 18.22
C2 1WA B 6 -26.98 -8.43 17.15
N2 1WA B 6 -27.57 -9.19 16.21
N3 1WA B 6 -26.96 -7.11 16.86
C4 1WA B 6 -26.39 -6.41 17.80
N5 1WA B 6 -25.88 -6.91 18.93
C6 1WA B 6 -25.92 -8.32 19.20
O6 1WA B 6 -25.45 -8.72 20.22
C7 1WA B 6 -25.33 -5.88 19.70
C8 1WA B 6 -25.54 -4.76 19.03
N9 1WA B 6 -26.20 -5.08 17.84
C1' 1WA B 6 -26.62 -4.14 16.77
C2' 1WA B 6 -28.00 -3.52 16.97
C3' 1WA B 6 -27.84 -2.19 16.24
O3' 1WA B 6 -28.16 -2.47 14.86
C4' 1WA B 6 -26.40 -1.80 16.56
O4' 1WA B 6 -25.70 -3.06 16.74
C5' 1WA B 6 -26.18 -0.90 17.76
O5' 1WA B 6 -24.99 -1.30 18.45
OP1 1WA B 6 -23.79 0.81 17.57
OP2 1WA B 6 -23.26 -0.34 19.84
P IGU B 7 -29.52 -1.91 14.22
OP1 IGU B 7 -29.25 -1.42 12.89
OP2 IGU B 7 -30.18 -1.03 15.20
O5' IGU B 7 -30.40 -3.21 14.04
C5' IGU B 7 -29.74 -4.47 13.91
C4' IGU B 7 -30.52 -5.52 14.60
O4' IGU B 7 -29.88 -5.76 15.86
C3' IGU B 7 -31.97 -5.20 14.99
O3' IGU B 7 -32.85 -6.04 14.24
C2' IGU B 7 -32.00 -5.38 16.53
C1' IGU B 7 -30.85 -6.36 16.67
N9 IGU B 7 -30.25 -6.73 17.91
C8 IGU B 7 -29.75 -5.88 18.70
N7 IGU B 7 -29.28 -6.40 19.73
C6 IGU B 7 -29.21 -8.62 20.41
N6 IGU B 7 -28.62 -8.40 21.49
C5 IGU B 7 -29.51 -7.62 19.57
N1 IGU B 7 -29.56 -9.86 20.01
C2 IGU B 7 -30.20 -10.04 18.81
O2 IGU B 7 -30.50 -11.16 18.47
N3 IGU B 7 -30.45 -9.03 18.07
C4 IGU B 7 -30.13 -7.86 18.42
C1 JSP B 8 -34.05 -8.55 19.06
C1' JSP B 8 -34.88 -9.06 17.83
C2 JSP B 8 -33.50 -9.38 19.98
C2' JSP B 8 -35.99 -8.14 17.38
C3' JSP B 8 -36.31 -8.86 16.08
C4 JSP B 8 -32.65 -7.69 21.15
C4' JSP B 8 -34.93 -9.17 15.53
C5' JSP B 8 -34.40 -8.23 14.45
C6 JSP B 8 -33.88 -7.23 19.21
C7 JSP B 8 -32.93 -5.35 20.49
N2 JSP B 8 -33.68 -10.63 19.80
N3 JSP B 8 -32.84 -8.93 20.95
N5 JSP B 8 -33.16 -6.77 20.27
O3' JSP B 8 -36.98 -10.08 16.35
O4 JSP B 8 -32.00 -7.33 22.11
O4' JSP B 8 -34.05 -9.16 16.69
O5' JSP B 8 -35.17 -7.03 14.38
OP1 JSP B 8 -34.63 -5.30 12.66
OP2 JSP B 8 -34.75 -4.69 15.14
P JSP B 8 -34.41 -5.66 14.08
P IGU C 1 -28.95 -11.78 30.75
OP1 IGU C 1 -28.88 -11.66 32.21
OP2 IGU C 1 -27.83 -11.29 29.94
O5' IGU C 1 -29.14 -13.33 30.45
C5' IGU C 1 -30.45 -13.78 30.12
C4' IGU C 1 -30.48 -14.45 28.78
O4' IGU C 1 -30.90 -13.47 27.84
C3' IGU C 1 -29.22 -15.09 28.21
O3' IGU C 1 -29.50 -16.40 27.69
C2' IGU C 1 -28.72 -14.04 27.19
C1' IGU C 1 -30.04 -13.44 26.71
N9 IGU C 1 -30.17 -12.17 26.10
C8 IGU C 1 -29.66 -11.13 26.58
N7 IGU C 1 -29.90 -10.11 25.90
C6 IGU C 1 -31.08 -9.85 23.93
N6 IGU C 1 -30.89 -8.62 23.83
C5 IGU C 1 -30.57 -10.54 24.95
N1 IGU C 1 -31.79 -10.55 23.03
C2 IGU C 1 -31.97 -11.90 23.18
O2 IGU C 1 -32.61 -12.51 22.35
N3 IGU C 1 -31.45 -12.50 24.19
C4 IGU C 1 -30.78 -11.86 25.05
C1 JSP C 2 -28.50 -13.80 22.79
C1' JSP C 2 -29.03 -15.26 22.61
C2 JSP C 2 -28.86 -12.78 21.98
C2' JSP C 2 -27.94 -16.28 22.33
C3' JSP C 2 -28.71 -17.57 22.60
C4 JSP C 2 -27.59 -11.32 23.10
C4' JSP C 2 -29.69 -17.17 23.70
C5' JSP C 2 -29.49 -17.86 25.05
C6 JSP C 2 -27.65 -13.57 23.79
C7 JSP C 2 -26.25 -11.98 25.04
N2 JSP C 2 -29.66 -13.03 21.03
N3 JSP C 2 -28.39 -11.61 22.16
N5 JSP C 2 -27.17 -12.31 23.96
O3' JSP C 2 -29.47 -17.95 21.46
O4 JSP C 2 -27.18 -10.18 23.22
O4' JSP C 2 -29.58 -15.73 23.83
O5' JSP C 2 -28.31 -17.42 25.71
OP1 JSP C 2 -28.67 -18.75 27.80
OP2 JSP C 2 -27.03 -16.78 27.77
P JSP C 2 -28.29 -17.40 27.31
N 1W5 C 3 -24.50 -14.59 21.62
P 1W5 C 3 -28.78 -18.75 20.25
C1 1W5 C 3 -26.78 -13.90 18.82
C2 1W5 C 3 -26.74 -12.45 18.75
O2 1W5 C 3 -27.33 -11.76 17.97
N3 1W5 C 3 -25.91 -11.83 19.69
C4 1W5 C 3 -25.16 -12.44 20.63
N4 1W5 C 3 -24.45 -11.64 21.42
C5 1W5 C 3 -25.22 -13.83 20.67
C6 1W5 C 3 -26.06 -14.53 19.74
C1' 1W5 C 3 -27.64 -14.53 17.85
C2' 1W5 C 3 -27.24 -15.99 17.76
C3' 1W5 C 3 -28.43 -16.76 17.17
O3' 1W5 C 3 -28.49 -16.54 15.75
C4' 1W5 C 3 -29.54 -16.03 17.88
O4' 1W5 C 3 -29.02 -14.73 18.26
C5' 1W5 C 3 -30.00 -16.80 19.11
O5' 1W5 C 3 -29.44 -18.10 18.94
ON1 1W5 C 3 -24.73 -15.77 21.73
ON2 1W5 C 3 -23.67 -14.03 22.27
OP1 1W5 C 3 -29.37 -20.09 20.23
OP2 1W5 C 3 -27.28 -18.60 20.33
P 1WA C 4 -27.84 -17.59 14.72
N1 1WA C 4 -23.71 -9.99 16.65
C2 1WA C 4 -24.32 -9.84 15.50
N2 1WA C 4 -24.46 -8.58 15.02
N3 1WA C 4 -24.86 -10.79 14.69
C4 1WA C 4 -24.70 -11.97 15.18
N5 1WA C 4 -24.09 -12.27 16.34
C6 1WA C 4 -23.55 -11.23 17.17
O6 1WA C 4 -23.01 -11.54 18.18
C7 1WA C 4 -24.11 -13.65 16.55
C8 1WA C 4 -24.74 -14.18 15.51
N9 1WA C 4 -25.10 -13.14 14.65
C1' 1WA C 4 -25.82 -13.25 13.36
C2' 1WA C 4 -25.19 -14.16 12.32
C3' 1WA C 4 -26.39 -14.50 11.45
O3' 1WA C 4 -26.43 -13.46 10.46
C4' 1WA C 4 -27.57 -14.51 12.43
O4' 1WA C 4 -27.09 -13.83 13.62
C5' 1WA C 4 -28.20 -15.84 12.78
O5' 1WA C 4 -27.29 -16.67 13.54
OP1 1WA C 4 -28.88 -18.54 14.30
OP2 1WA C 4 -26.55 -18.13 15.32
P 1WA C 5 -25.62 -13.60 9.08
N1 1WA C 5 -20.52 -9.81 15.43
C2 1WA C 5 -20.80 -8.86 14.56
N2 1WA C 5 -20.46 -7.60 14.87
N3 1WA C 5 -21.38 -8.99 13.35
C4 1WA C 5 -21.69 -10.22 13.07
N5 1WA C 5 -21.46 -11.26 13.88
C6 1WA C 5 -20.83 -11.09 15.16
O6 1WA C 5 -20.66 -12.05 15.84
C7 1WA C 5 -21.93 -12.43 13.27
C8 1WA C 5 -22.42 -12.06 12.08
N9 1WA C 5 -22.27 -10.68 11.97
C1' 1WA C 5 -22.69 -9.82 10.84
C2' 1WA C 5 -22.32 -10.32 9.44
C3' 1WA C 5 -23.52 -9.89 8.58
O3' 1WA C 5 -23.21 -8.62 7.99
C4' 1WA C 5 -24.70 -9.87 9.56
O4' 1WA C 5 -24.11 -9.75 10.88
C5' 1WA C 5 -25.65 -11.03 9.51
O5' 1WA C 5 -25.01 -12.15 8.88
OP1 1WA C 5 -26.59 -13.98 8.02
OP2 1WA C 5 -24.37 -14.44 9.30
#